data_5BZ3
#
_entry.id   5BZ3
#
_cell.length_a   56.580
_cell.length_b   94.090
_cell.length_c   147.280
_cell.angle_alpha   90.00
_cell.angle_beta   90.00
_cell.angle_gamma   90.00
#
_symmetry.space_group_name_H-M   'C 2 2 21'
#
loop_
_entity.id
_entity.type
_entity.pdbx_description
1 polymer 'Na(+)/H(+) antiporter'
2 non-polymer '(2R)-2,3-DIHYDROXYPROPYL (7Z)-TETRADEC-7-ENOATE'
3 water water
#
_entity_poly.entity_id   1
_entity_poly.type   'polypeptide(L)'
_entity_poly.pdbx_seq_one_letter_code
;MGAEHLLEIFYLLLAAQVCAFIFKRLNQPVVIGEVLAGVLVGPALLGLVHEGEILEFLAELGAVFLLFMVGLETRLKDIL
AVGKEAFLVAVLGVALPFLGGYLYGLEIGFETLPALFLGTALVATSVGITARVLQELGVLSRPYSRIILGAAVIDDVLGL
IVLACVNGVAETGQVEVGAITRLIVLSVVFVGLAVFLSTLIARLPLERLPVGSPLGFALALGVGMAALAASIGLAPIVGA
FLGGMLLSEVREKYRLEEPIFAIESFLAPIFFAMVGVRLELSALASPVVLVAGTVVTVIAILGKVLGGFLGALTQGVRSA
LTVGCGMAPRGEVGLIVAALGLKAGAVNEEEYAIVLFMVVFTTLFAPFALKPLIAWTERERAAKE
;
_entity_poly.pdbx_strand_id   A
#
# COMPACT_ATOMS: atom_id res chain seq x y z
N GLY A 2 -15.45 -9.80 23.64
CA GLY A 2 -15.06 -8.84 24.66
C GLY A 2 -13.66 -9.09 25.19
N ALA A 3 -13.57 -9.92 26.23
CA ALA A 3 -12.30 -10.19 26.88
C ALA A 3 -11.33 -10.90 25.94
N GLU A 4 -11.85 -11.85 25.16
CA GLU A 4 -11.05 -12.53 24.16
C GLU A 4 -10.29 -11.55 23.27
N HIS A 5 -11.03 -10.61 22.69
CA HIS A 5 -10.44 -9.69 21.73
C HIS A 5 -9.48 -8.71 22.41
N LEU A 6 -9.74 -8.36 23.67
CA LEU A 6 -8.80 -7.52 24.43
C LEU A 6 -7.49 -8.27 24.70
N LEU A 7 -7.58 -9.56 24.98
CA LEU A 7 -6.38 -10.38 25.17
C LEU A 7 -5.57 -10.44 23.88
N GLU A 8 -6.27 -10.64 22.77
CA GLU A 8 -5.62 -10.72 21.48
C GLU A 8 -4.82 -9.46 21.18
N ILE A 9 -5.42 -8.31 21.40
CA ILE A 9 -4.74 -7.04 21.15
C ILE A 9 -3.51 -6.93 22.04
N PHE A 10 -3.64 -7.32 23.31
CA PHE A 10 -2.49 -7.28 24.21
C PHE A 10 -1.33 -8.12 23.69
N TYR A 11 -1.63 -9.31 23.19
CA TYR A 11 -0.59 -10.22 22.71
C TYR A 11 0.10 -9.65 21.46
N LEU A 12 -0.69 -9.03 20.59
CA LEU A 12 -0.15 -8.37 19.40
C LEU A 12 0.77 -7.21 19.76
N LEU A 13 0.27 -6.30 20.58
CA LEU A 13 1.04 -5.13 20.98
C LEU A 13 2.29 -5.54 21.74
N LEU A 14 2.16 -6.53 22.62
CA LEU A 14 3.30 -7.00 23.41
C LEU A 14 4.36 -7.57 22.47
N ALA A 15 3.95 -8.49 21.61
CA ALA A 15 4.86 -9.12 20.66
C ALA A 15 5.46 -8.09 19.69
N ALA A 16 4.63 -7.17 19.20
CA ALA A 16 5.09 -6.18 18.24
C ALA A 16 6.05 -5.18 18.88
N GLN A 17 5.85 -4.88 20.16
CA GLN A 17 6.77 -4.01 20.89
C GLN A 17 8.13 -4.68 21.05
N VAL A 18 8.13 -5.98 21.35
CA VAL A 18 9.39 -6.69 21.58
C VAL A 18 10.13 -6.92 20.25
N CYS A 19 9.41 -7.30 19.21
CA CYS A 19 10.05 -7.55 17.92
C CYS A 19 10.52 -6.26 17.27
N ALA A 20 9.84 -5.15 17.55
CA ALA A 20 10.30 -3.86 17.07
C ALA A 20 11.64 -3.52 17.71
N PHE A 21 11.73 -3.71 19.02
CA PHE A 21 12.99 -3.52 19.75
C PHE A 21 14.08 -4.41 19.17
N ILE A 22 13.73 -5.64 18.84
CA ILE A 22 14.71 -6.60 18.33
C ILE A 22 15.24 -6.16 16.97
N PHE A 23 14.36 -5.69 16.09
CA PHE A 23 14.79 -5.34 14.75
C PHE A 23 15.53 -3.99 14.74
N LYS A 24 15.19 -3.11 15.68
CA LYS A 24 15.98 -1.89 15.86
C LYS A 24 17.41 -2.23 16.28
N ARG A 25 17.57 -3.03 17.33
CA ARG A 25 18.91 -3.40 17.81
C ARG A 25 19.74 -4.11 16.72
N LEU A 26 19.06 -4.72 15.74
CA LEU A 26 19.73 -5.40 14.63
C LEU A 26 19.87 -4.53 13.39
N ASN A 27 19.42 -3.28 13.48
CA ASN A 27 19.42 -2.36 12.35
C ASN A 27 18.69 -2.93 11.13
N GLN A 28 17.66 -3.72 11.39
CA GLN A 28 16.79 -4.22 10.33
C GLN A 28 15.47 -3.44 10.37
N PRO A 29 14.69 -3.50 9.29
CA PRO A 29 13.47 -2.68 9.23
C PRO A 29 12.47 -3.03 10.33
N VAL A 30 12.13 -2.04 11.14
CA VAL A 30 11.28 -2.23 12.31
C VAL A 30 9.94 -2.85 11.93
N VAL A 31 9.43 -2.51 10.75
CA VAL A 31 8.09 -2.94 10.35
C VAL A 31 8.05 -4.45 10.08
N ILE A 32 9.18 -5.04 9.71
CA ILE A 32 9.24 -6.48 9.49
C ILE A 32 9.16 -7.21 10.82
N GLY A 33 9.69 -6.58 11.87
CA GLY A 33 9.55 -7.11 13.22
C GLY A 33 8.09 -7.22 13.63
N GLU A 34 7.31 -6.20 13.29
CA GLU A 34 5.89 -6.17 13.66
C GLU A 34 5.12 -7.27 12.94
N VAL A 35 5.55 -7.58 11.73
CA VAL A 35 4.96 -8.69 10.97
C VAL A 35 5.35 -10.02 11.57
N LEU A 36 6.62 -10.18 11.91
CA LEU A 36 7.09 -11.41 12.55
C LEU A 36 6.30 -11.67 13.82
N ALA A 37 6.10 -10.59 14.58
CA ALA A 37 5.36 -10.66 15.84
C ALA A 37 4.02 -11.35 15.64
N GLY A 38 3.31 -10.98 14.58
CA GLY A 38 2.01 -11.55 14.29
C GLY A 38 2.08 -13.00 13.89
N VAL A 39 3.16 -13.36 13.19
CA VAL A 39 3.41 -14.76 12.84
C VAL A 39 3.57 -15.58 14.10
N LEU A 40 4.36 -15.06 15.05
CA LEU A 40 4.67 -15.77 16.28
C LEU A 40 3.45 -16.02 17.16
N VAL A 41 2.61 -15.00 17.35
CA VAL A 41 1.45 -15.13 18.23
C VAL A 41 0.23 -15.73 17.52
N GLY A 42 0.30 -15.81 16.19
CA GLY A 42 -0.81 -16.30 15.41
C GLY A 42 -0.88 -17.82 15.34
N PRO A 43 -1.72 -18.36 14.45
CA PRO A 43 -1.97 -19.80 14.43
C PRO A 43 -0.76 -20.65 14.01
N ALA A 44 0.20 -20.06 13.31
CA ALA A 44 1.37 -20.81 12.85
C ALA A 44 2.16 -21.39 14.02
N LEU A 45 2.22 -20.65 15.14
CA LEU A 45 2.98 -21.10 16.30
C LEU A 45 2.15 -21.06 17.60
N LEU A 46 2.21 -19.94 18.33
CA LEU A 46 1.60 -19.87 19.67
C LEU A 46 0.08 -19.99 19.69
N GLY A 47 -0.58 -19.59 18.61
CA GLY A 47 -2.03 -19.71 18.52
C GLY A 47 -2.80 -18.85 19.50
N LEU A 48 -2.24 -17.70 19.88
CA LEU A 48 -2.90 -16.79 20.82
C LEU A 48 -3.78 -15.77 20.11
N VAL A 49 -3.63 -15.66 18.79
CA VAL A 49 -4.35 -14.67 18.00
C VAL A 49 -4.83 -15.32 16.73
N HIS A 50 -6.08 -15.07 16.36
CA HIS A 50 -6.62 -15.60 15.12
C HIS A 50 -7.27 -14.54 14.27
N GLU A 51 -7.37 -14.86 12.98
CA GLU A 51 -8.10 -14.07 12.01
C GLU A 51 -9.51 -13.79 12.53
N GLY A 52 -9.87 -12.52 12.55
CA GLY A 52 -11.23 -12.14 12.89
C GLY A 52 -11.63 -10.77 12.38
N GLU A 53 -12.92 -10.50 12.40
CA GLU A 53 -13.47 -9.26 11.87
C GLU A 53 -13.02 -8.04 12.66
N ILE A 54 -13.02 -8.15 13.98
CA ILE A 54 -12.68 -7.01 14.82
C ILE A 54 -11.22 -6.63 14.63
N LEU A 55 -10.33 -7.62 14.73
CA LEU A 55 -8.89 -7.37 14.55
C LEU A 55 -8.60 -6.82 13.17
N GLU A 56 -9.29 -7.31 12.16
CA GLU A 56 -9.03 -6.87 10.79
C GLU A 56 -9.50 -5.43 10.59
N PHE A 57 -10.57 -5.02 11.26
CA PHE A 57 -10.98 -3.64 11.14
C PHE A 57 -10.01 -2.72 11.89
N LEU A 58 -9.47 -3.20 13.00
CA LEU A 58 -8.48 -2.42 13.74
C LEU A 58 -7.21 -2.29 12.90
N ALA A 59 -6.82 -3.37 12.25
CA ALA A 59 -5.72 -3.34 11.29
C ALA A 59 -5.96 -2.27 10.24
N GLU A 60 -7.18 -2.17 9.74
CA GLU A 60 -7.52 -1.20 8.71
C GLU A 60 -7.39 0.23 9.23
N LEU A 61 -7.82 0.46 10.46
CA LEU A 61 -7.69 1.78 11.08
C LEU A 61 -6.23 2.17 11.23
N GLY A 62 -5.39 1.19 11.53
CA GLY A 62 -3.96 1.44 11.69
C GLY A 62 -3.32 1.92 10.40
N ALA A 63 -3.64 1.26 9.30
CA ALA A 63 -3.13 1.65 7.98
C ALA A 63 -3.61 3.06 7.64
N VAL A 64 -4.88 3.33 7.96
CA VAL A 64 -5.47 4.64 7.72
C VAL A 64 -4.71 5.73 8.48
N PHE A 65 -4.32 5.47 9.72
CA PHE A 65 -3.65 6.49 10.51
C PHE A 65 -2.16 6.60 10.18
N LEU A 66 -1.59 5.52 9.65
CA LEU A 66 -0.27 5.59 9.03
C LEU A 66 -0.25 6.61 7.90
N LEU A 67 -1.09 6.40 6.88
CA LEU A 67 -1.09 7.30 5.73
C LEU A 67 -1.71 8.67 6.04
N PHE A 68 -2.62 8.71 7.00
CA PHE A 68 -3.13 10.00 7.48
C PHE A 68 -1.98 10.82 8.06
N MET A 69 -1.14 10.18 8.87
CA MET A 69 0.04 10.83 9.42
C MET A 69 1.01 11.25 8.31
N VAL A 70 1.20 10.37 7.33
CA VAL A 70 2.13 10.65 6.24
C VAL A 70 1.64 11.83 5.40
N GLY A 71 0.33 11.88 5.17
CA GLY A 71 -0.27 13.03 4.49
C GLY A 71 -0.02 14.33 5.23
N LEU A 72 -0.16 14.30 6.55
CA LEU A 72 0.11 15.47 7.39
C LEU A 72 1.47 16.08 7.16
N GLU A 73 2.46 15.24 6.87
CA GLU A 73 3.85 15.69 6.68
C GLU A 73 4.17 15.98 5.21
N THR A 74 3.12 16.05 4.39
CA THR A 74 3.28 16.20 2.94
C THR A 74 2.49 17.37 2.38
N ARG A 75 3.19 18.36 1.83
CA ARG A 75 2.55 19.46 1.13
C ARG A 75 2.03 18.95 -0.21
N LEU A 76 0.76 19.24 -0.54
CA LEU A 76 0.24 18.91 -1.86
C LEU A 76 1.16 19.48 -2.93
N LYS A 77 1.53 20.75 -2.76
CA LYS A 77 2.39 21.43 -3.73
C LYS A 77 3.68 20.64 -3.99
N ASP A 78 4.19 19.98 -2.96
CA ASP A 78 5.42 19.20 -3.12
C ASP A 78 5.16 17.88 -3.85
N ILE A 79 3.91 17.42 -3.83
CA ILE A 79 3.53 16.28 -4.66
C ILE A 79 3.39 16.74 -6.12
N LEU A 80 2.73 17.88 -6.32
CA LEU A 80 2.55 18.44 -7.66
C LEU A 80 3.88 18.70 -8.35
N ALA A 81 4.90 19.09 -7.57
CA ALA A 81 6.22 19.39 -8.12
C ALA A 81 6.82 18.19 -8.85
N VAL A 82 6.37 16.99 -8.49
CA VAL A 82 6.86 15.76 -9.11
C VAL A 82 5.69 14.96 -9.68
N GLY A 83 4.64 15.66 -10.09
CA GLY A 83 3.44 15.03 -10.61
C GLY A 83 3.67 14.24 -11.88
N LYS A 84 4.48 14.76 -12.79
CA LYS A 84 4.72 14.10 -14.06
C LYS A 84 5.48 12.78 -13.84
N GLU A 85 6.41 12.78 -12.89
CA GLU A 85 7.10 11.55 -12.52
C GLU A 85 6.16 10.58 -11.81
N ALA A 86 5.29 11.09 -10.94
CA ALA A 86 4.37 10.21 -10.21
C ALA A 86 3.46 9.51 -11.20
N PHE A 87 2.99 10.25 -12.15
CA PHE A 87 2.12 9.71 -13.15
C PHE A 87 2.76 8.66 -14.04
N LEU A 88 3.97 8.91 -14.48
CA LEU A 88 4.67 7.96 -15.30
C LEU A 88 4.99 6.69 -14.55
N VAL A 89 5.38 6.84 -13.31
CA VAL A 89 5.77 5.72 -12.50
C VAL A 89 4.57 4.83 -12.32
N ALA A 90 3.43 5.45 -12.09
CA ALA A 90 2.20 4.70 -11.91
C ALA A 90 1.79 3.92 -13.17
N VAL A 91 1.75 4.56 -14.33
CA VAL A 91 1.29 3.87 -15.53
C VAL A 91 2.26 2.76 -15.95
N LEU A 92 3.56 3.02 -15.89
CA LEU A 92 4.53 2.00 -16.28
C LEU A 92 4.54 0.86 -15.27
N GLY A 93 4.32 1.20 -14.01
CA GLY A 93 4.23 0.22 -12.95
C GLY A 93 2.99 -0.66 -13.07
N VAL A 94 2.07 -0.28 -13.95
CA VAL A 94 0.92 -1.12 -14.27
C VAL A 94 1.19 -1.92 -15.54
N ALA A 95 1.63 -1.23 -16.59
CA ALA A 95 1.83 -1.85 -17.90
C ALA A 95 2.86 -2.96 -17.86
N LEU A 96 4.03 -2.67 -17.30
CA LEU A 96 5.16 -3.60 -17.36
C LEU A 96 4.93 -4.89 -16.57
N PRO A 97 4.50 -4.79 -15.31
CA PRO A 97 4.24 -6.08 -14.65
C PRO A 97 3.12 -6.85 -15.34
N PHE A 98 2.12 -6.15 -15.87
CA PHE A 98 1.03 -6.81 -16.59
C PHE A 98 1.55 -7.55 -17.80
N LEU A 99 2.41 -6.91 -18.57
CA LEU A 99 2.93 -7.49 -19.81
C LEU A 99 3.79 -8.70 -19.52
N GLY A 100 4.73 -8.54 -18.58
CA GLY A 100 5.60 -9.63 -18.19
C GLY A 100 4.86 -10.83 -17.62
N GLY A 101 3.76 -10.57 -16.94
CA GLY A 101 2.98 -11.63 -16.31
C GLY A 101 2.22 -12.42 -17.36
N TYR A 102 1.66 -11.68 -18.31
CA TYR A 102 0.92 -12.25 -19.42
C TYR A 102 1.82 -13.07 -20.35
N LEU A 103 2.98 -12.53 -20.69
CA LEU A 103 3.91 -13.21 -21.61
C LEU A 103 4.50 -14.44 -20.94
N TYR A 104 4.71 -14.36 -19.63
CA TYR A 104 5.20 -15.52 -18.89
C TYR A 104 4.11 -16.58 -18.79
N GLY A 105 2.86 -16.14 -18.68
CA GLY A 105 1.73 -17.05 -18.67
C GLY A 105 1.67 -17.85 -19.97
N LEU A 106 1.71 -17.14 -21.09
CA LEU A 106 1.77 -17.78 -22.40
C LEU A 106 2.93 -18.78 -22.45
N GLU A 107 4.10 -18.35 -21.97
CA GLU A 107 5.30 -19.19 -21.94
C GLU A 107 5.12 -20.54 -21.22
N ILE A 108 4.30 -20.58 -20.16
CA ILE A 108 4.15 -21.81 -19.38
C ILE A 108 2.82 -22.52 -19.70
N GLY A 109 2.33 -22.33 -20.92
CA GLY A 109 1.20 -23.10 -21.41
C GLY A 109 -0.18 -22.61 -21.04
N PHE A 110 -0.28 -21.45 -20.40
CA PHE A 110 -1.59 -20.91 -20.05
C PHE A 110 -2.35 -20.53 -21.32
N GLU A 111 -3.68 -20.60 -21.25
CA GLU A 111 -4.51 -20.12 -22.35
C GLU A 111 -4.61 -18.60 -22.25
N THR A 112 -5.28 -17.97 -23.20
CA THR A 112 -5.39 -16.52 -23.25
C THR A 112 -5.91 -15.90 -21.95
N LEU A 113 -7.12 -16.27 -21.56
CA LEU A 113 -7.76 -15.62 -20.41
C LEU A 113 -7.01 -15.88 -19.11
N PRO A 114 -6.58 -17.13 -18.87
CA PRO A 114 -5.74 -17.38 -17.69
C PRO A 114 -4.48 -16.53 -17.66
N ALA A 115 -3.91 -16.28 -18.83
CA ALA A 115 -2.70 -15.48 -18.93
C ALA A 115 -2.97 -14.03 -18.58
N LEU A 116 -4.12 -13.52 -19.03
CA LEU A 116 -4.48 -12.14 -18.77
C LEU A 116 -4.70 -11.95 -17.28
N PHE A 117 -5.29 -12.95 -16.62
CA PHE A 117 -5.56 -12.84 -15.19
C PHE A 117 -4.27 -12.83 -14.39
N LEU A 118 -3.30 -13.61 -14.84
CA LEU A 118 -1.99 -13.63 -14.21
C LEU A 118 -1.36 -12.24 -14.28
N GLY A 119 -1.38 -11.65 -15.46
CA GLY A 119 -0.83 -10.33 -15.67
C GLY A 119 -1.52 -9.27 -14.83
N THR A 120 -2.85 -9.30 -14.78
CA THR A 120 -3.60 -8.27 -14.07
C THR A 120 -3.41 -8.38 -12.56
N ALA A 121 -3.04 -9.55 -12.07
CA ALA A 121 -2.82 -9.76 -10.64
C ALA A 121 -1.53 -9.10 -10.13
N LEU A 122 -0.69 -8.63 -11.05
CA LEU A 122 0.60 -8.05 -10.69
C LEU A 122 0.59 -6.53 -10.74
N VAL A 123 -0.57 -5.97 -11.06
CA VAL A 123 -0.68 -4.58 -11.46
C VAL A 123 -0.71 -3.58 -10.29
N ALA A 124 -1.28 -3.97 -9.17
CA ALA A 124 -1.57 -3.02 -8.09
C ALA A 124 -0.49 -2.98 -7.00
N THR A 125 -0.12 -1.77 -6.62
CA THR A 125 0.78 -1.54 -5.49
C THR A 125 -0.02 -1.45 -4.20
N SER A 126 0.54 -1.97 -3.11
CA SER A 126 -0.02 -1.77 -1.77
C SER A 126 1.03 -1.03 -0.96
N VAL A 127 0.87 0.29 -0.82
CA VAL A 127 1.99 1.14 -0.41
C VAL A 127 2.17 1.26 1.10
N GLY A 128 1.28 0.64 1.87
CA GLY A 128 1.34 0.75 3.33
C GLY A 128 2.71 0.50 3.92
N ILE A 129 3.30 -0.66 3.63
CA ILE A 129 4.57 -1.01 4.26
C ILE A 129 5.70 -0.13 3.73
N THR A 130 5.56 0.34 2.50
CA THR A 130 6.55 1.25 1.93
C THR A 130 6.48 2.60 2.66
N ALA A 131 5.28 3.11 2.88
CA ALA A 131 5.11 4.40 3.54
C ALA A 131 5.61 4.37 4.97
N ARG A 132 5.47 3.22 5.61
CA ARG A 132 5.94 3.04 6.99
C ARG A 132 7.46 3.18 7.07
N VAL A 133 8.14 2.57 6.11
CA VAL A 133 9.60 2.62 6.04
C VAL A 133 10.09 4.06 5.81
N LEU A 134 9.46 4.74 4.87
CA LEU A 134 9.82 6.12 4.56
C LEU A 134 9.68 7.00 5.78
N GLN A 135 8.59 6.79 6.52
CA GLN A 135 8.33 7.54 7.73
C GLN A 135 9.36 7.18 8.79
N GLU A 136 9.63 5.89 8.91
CA GLU A 136 10.57 5.38 9.91
C GLU A 136 11.96 6.02 9.75
N LEU A 137 12.41 6.19 8.52
CA LEU A 137 13.76 6.68 8.26
C LEU A 137 13.83 8.20 8.10
N GLY A 138 12.70 8.87 8.24
CA GLY A 138 12.69 10.33 8.29
C GLY A 138 12.89 11.00 6.94
N VAL A 139 12.56 10.28 5.87
CA VAL A 139 12.81 10.77 4.51
C VAL A 139 11.53 11.07 3.75
N LEU A 140 10.45 11.34 4.47
CA LEU A 140 9.17 11.60 3.80
C LEU A 140 9.21 12.83 2.89
N SER A 141 10.12 13.75 3.18
CA SER A 141 10.22 14.99 2.40
C SER A 141 11.06 14.85 1.12
N ARG A 142 11.76 13.73 0.96
CA ARG A 142 12.67 13.56 -0.18
C ARG A 142 11.89 13.34 -1.47
N PRO A 143 12.53 13.58 -2.62
CA PRO A 143 11.75 13.48 -3.86
C PRO A 143 11.30 12.06 -4.21
N TYR A 144 12.08 11.04 -3.84
CA TYR A 144 11.68 9.67 -4.15
C TYR A 144 10.47 9.27 -3.31
N SER A 145 10.36 9.85 -2.12
CA SER A 145 9.24 9.59 -1.24
CA SER A 145 9.24 9.57 -1.25
C SER A 145 7.96 10.20 -1.79
N ARG A 146 8.07 11.45 -2.26
CA ARG A 146 6.91 12.16 -2.81
C ARG A 146 6.45 11.55 -4.13
N ILE A 147 7.37 11.01 -4.92
CA ILE A 147 6.99 10.33 -6.17
C ILE A 147 6.25 9.03 -5.85
N ILE A 148 6.76 8.28 -4.87
CA ILE A 148 6.13 7.04 -4.42
C ILE A 148 4.68 7.28 -4.00
N LEU A 149 4.47 8.25 -3.12
CA LEU A 149 3.14 8.52 -2.59
C LEU A 149 2.20 9.01 -3.68
N GLY A 150 2.68 9.89 -4.56
CA GLY A 150 1.87 10.35 -5.68
C GLY A 150 1.54 9.21 -6.63
N ALA A 151 2.52 8.36 -6.91
CA ALA A 151 2.31 7.24 -7.82
C ALA A 151 1.33 6.24 -7.21
N ALA A 152 1.36 6.11 -5.88
CA ALA A 152 0.48 5.17 -5.19
C ALA A 152 -0.98 5.61 -5.32
N VAL A 153 -1.23 6.91 -5.26
CA VAL A 153 -2.58 7.43 -5.41
C VAL A 153 -3.14 7.14 -6.82
N ILE A 154 -2.35 7.46 -7.84
CA ILE A 154 -2.78 7.20 -9.22
C ILE A 154 -2.87 5.69 -9.47
N ASP A 155 -1.92 4.94 -8.91
CA ASP A 155 -1.91 3.50 -9.04
C ASP A 155 -3.17 2.87 -8.43
N ASP A 156 -3.73 3.52 -7.39
CA ASP A 156 -4.96 3.01 -6.77
C ASP A 156 -6.17 3.27 -7.66
N VAL A 157 -6.19 4.41 -8.35
CA VAL A 157 -7.25 4.67 -9.34
C VAL A 157 -7.14 3.64 -10.46
N LEU A 158 -5.93 3.48 -11.00
CA LEU A 158 -5.69 2.48 -12.06
C LEU A 158 -6.05 1.08 -11.58
N GLY A 159 -5.77 0.79 -10.32
CA GLY A 159 -6.05 -0.52 -9.77
C GLY A 159 -7.54 -0.81 -9.69
N LEU A 160 -8.32 0.22 -9.40
CA LEU A 160 -9.77 0.08 -9.28
C LEU A 160 -10.43 -0.09 -10.65
N ILE A 161 -9.90 0.62 -11.65
CA ILE A 161 -10.33 0.42 -13.02
C ILE A 161 -10.18 -1.05 -13.38
N VAL A 162 -8.98 -1.57 -13.13
CA VAL A 162 -8.68 -2.95 -13.47
C VAL A 162 -9.57 -3.89 -12.70
N LEU A 163 -9.77 -3.61 -11.41
CA LEU A 163 -10.62 -4.45 -10.58
C LEU A 163 -12.06 -4.47 -11.11
N ALA A 164 -12.57 -3.30 -11.48
CA ALA A 164 -13.93 -3.19 -11.99
C ALA A 164 -14.12 -3.96 -13.31
N CYS A 165 -13.09 -3.98 -14.15
CA CYS A 165 -13.17 -4.68 -15.44
C CYS A 165 -13.13 -6.18 -15.21
N VAL A 166 -12.31 -6.60 -14.25
CA VAL A 166 -12.11 -8.02 -13.96
C VAL A 166 -13.34 -8.58 -13.28
N ASN A 167 -13.96 -7.75 -12.43
CA ASN A 167 -15.23 -8.09 -11.80
C ASN A 167 -16.31 -8.33 -12.84
N GLY A 168 -16.38 -7.46 -13.83
CA GLY A 168 -17.38 -7.57 -14.88
C GLY A 168 -17.19 -8.81 -15.71
N VAL A 169 -15.94 -9.09 -16.08
CA VAL A 169 -15.61 -10.26 -16.88
C VAL A 169 -15.96 -11.54 -16.11
N ALA A 170 -15.63 -11.56 -14.82
CA ALA A 170 -15.89 -12.75 -14.02
C ALA A 170 -17.39 -13.00 -13.83
N GLU A 171 -18.18 -11.92 -13.82
CA GLU A 171 -19.61 -12.05 -13.63
C GLU A 171 -20.37 -12.20 -14.95
N THR A 172 -20.17 -11.26 -15.87
CA THR A 172 -20.97 -11.16 -17.08
C THR A 172 -20.24 -11.65 -18.34
N GLY A 173 -18.93 -11.80 -18.25
CA GLY A 173 -18.14 -12.22 -19.40
C GLY A 173 -17.75 -11.08 -20.34
N GLN A 174 -18.17 -9.86 -20.01
CA GLN A 174 -17.82 -8.70 -20.84
C GLN A 174 -17.25 -7.52 -20.05
N VAL A 175 -16.62 -6.61 -20.77
CA VAL A 175 -16.12 -5.36 -20.22
C VAL A 175 -17.32 -4.46 -19.92
N GLU A 176 -17.46 -4.05 -18.66
CA GLU A 176 -18.58 -3.22 -18.27
C GLU A 176 -18.16 -1.75 -18.22
N VAL A 177 -18.10 -1.14 -19.40
CA VAL A 177 -17.57 0.21 -19.54
C VAL A 177 -18.40 1.22 -18.77
N GLY A 178 -19.71 0.98 -18.65
CA GLY A 178 -20.55 1.89 -17.89
C GLY A 178 -20.10 1.94 -16.43
N ALA A 179 -19.64 0.81 -15.93
CA ALA A 179 -19.21 0.70 -14.54
C ALA A 179 -17.82 1.28 -14.36
N ILE A 180 -16.92 0.93 -15.28
CA ILE A 180 -15.58 1.49 -15.31
C ILE A 180 -15.60 3.02 -15.26
N THR A 181 -16.44 3.63 -16.10
CA THR A 181 -16.41 5.07 -16.26
C THR A 181 -17.05 5.77 -15.07
N ARG A 182 -18.10 5.18 -14.52
CA ARG A 182 -18.67 5.67 -13.26
C ARG A 182 -17.58 5.82 -12.20
N LEU A 183 -16.73 4.81 -12.11
CA LEU A 183 -15.70 4.76 -11.07
C LEU A 183 -14.53 5.70 -11.36
N ILE A 184 -14.17 5.86 -12.64
CA ILE A 184 -13.16 6.84 -12.99
C ILE A 184 -13.67 8.22 -12.64
N VAL A 185 -14.93 8.47 -13.00
CA VAL A 185 -15.56 9.76 -12.75
C VAL A 185 -15.57 10.07 -11.26
N LEU A 186 -16.09 9.13 -10.48
CA LEU A 186 -16.13 9.29 -9.02
C LEU A 186 -14.73 9.49 -8.45
N SER A 187 -13.76 8.75 -8.99
CA SER A 187 -12.39 8.83 -8.50
C SER A 187 -11.74 10.18 -8.76
N VAL A 188 -11.73 10.62 -10.02
CA VAL A 188 -11.00 11.84 -10.37
C VAL A 188 -11.72 13.06 -9.78
N VAL A 189 -13.03 12.95 -9.63
CA VAL A 189 -13.81 14.00 -8.98
C VAL A 189 -13.39 14.10 -7.52
N PHE A 190 -13.35 12.95 -6.84
CA PHE A 190 -12.93 12.86 -5.43
C PHE A 190 -11.53 13.44 -5.22
N VAL A 191 -10.57 12.96 -6.01
CA VAL A 191 -9.20 13.43 -5.91
C VAL A 191 -9.11 14.91 -6.25
N GLY A 192 -9.67 15.28 -7.40
CA GLY A 192 -9.65 16.66 -7.86
C GLY A 192 -10.34 17.60 -6.89
N LEU A 193 -11.42 17.13 -6.28
CA LEU A 193 -12.15 17.93 -5.29
C LEU A 193 -11.32 18.12 -4.02
N ALA A 194 -10.53 17.10 -3.66
CA ALA A 194 -9.66 17.20 -2.51
C ALA A 194 -8.62 18.28 -2.73
N VAL A 195 -8.14 18.39 -3.97
CA VAL A 195 -7.17 19.41 -4.32
C VAL A 195 -7.78 20.80 -4.20
N PHE A 196 -9.09 20.92 -4.42
CA PHE A 196 -9.78 22.20 -4.26
C PHE A 196 -10.10 22.47 -2.79
N LEU A 197 -10.54 21.44 -2.06
CA LEU A 197 -10.83 21.59 -0.64
C LEU A 197 -9.53 21.81 0.15
N SER A 198 -8.40 21.49 -0.46
CA SER A 198 -7.11 21.78 0.17
C SER A 198 -7.01 23.25 0.52
N THR A 199 -7.69 24.09 -0.27
CA THR A 199 -7.64 25.54 -0.08
C THR A 199 -8.49 26.02 1.11
N LEU A 200 -9.74 25.55 1.19
CA LEU A 200 -10.69 26.03 2.21
C LEU A 200 -10.16 25.93 3.64
N ILE A 201 -9.18 25.06 3.84
CA ILE A 201 -8.65 24.80 5.17
C ILE A 201 -7.87 26.02 5.66
N ALA A 202 -7.12 26.66 4.76
CA ALA A 202 -6.40 27.88 5.07
C ALA A 202 -7.35 29.09 5.08
N ARG A 203 -8.26 29.10 4.11
CA ARG A 203 -9.10 30.27 3.85
C ARG A 203 -10.28 30.38 4.84
N LEU A 204 -10.37 29.43 5.76
CA LEU A 204 -11.40 29.47 6.81
C LEU A 204 -10.85 28.82 8.09
N PRO A 205 -10.64 29.62 9.15
CA PRO A 205 -10.17 29.00 10.39
C PRO A 205 -11.30 28.28 11.09
N LEU A 206 -11.00 27.30 11.93
CA LEU A 206 -12.05 26.45 12.49
C LEU A 206 -12.58 26.97 13.83
N GLU A 207 -12.33 28.23 14.14
CA GLU A 207 -12.98 28.86 15.28
C GLU A 207 -14.47 28.84 15.04
N ARG A 208 -14.90 29.43 13.92
CA ARG A 208 -16.30 29.52 13.55
C ARG A 208 -16.94 28.16 13.25
N LEU A 209 -16.14 27.09 13.26
CA LEU A 209 -16.68 25.77 12.99
C LEU A 209 -17.24 25.14 14.27
N PRO A 210 -18.44 24.54 14.18
CA PRO A 210 -19.10 23.94 15.35
C PRO A 210 -18.54 22.56 15.67
N VAL A 211 -17.36 22.51 16.26
CA VAL A 211 -16.72 21.26 16.65
C VAL A 211 -16.12 21.37 18.04
N GLY A 212 -15.98 20.24 18.72
CA GLY A 212 -15.45 20.22 20.07
C GLY A 212 -14.02 20.69 20.13
N SER A 213 -13.26 20.40 19.07
CA SER A 213 -11.83 20.68 19.06
C SER A 213 -11.25 20.55 17.64
N PRO A 214 -10.11 21.24 17.38
CA PRO A 214 -9.41 21.07 16.11
C PRO A 214 -9.09 19.61 15.83
N LEU A 215 -8.58 18.92 16.84
CA LEU A 215 -8.22 17.51 16.72
C LEU A 215 -9.45 16.70 16.34
N GLY A 216 -10.54 16.94 17.04
CA GLY A 216 -11.77 16.22 16.80
C GLY A 216 -12.25 16.42 15.38
N PHE A 217 -12.11 17.64 14.88
CA PHE A 217 -12.39 17.93 13.48
C PHE A 217 -11.44 17.16 12.57
N ALA A 218 -10.15 17.16 12.90
CA ALA A 218 -9.15 16.50 12.07
C ALA A 218 -9.40 15.00 11.98
N LEU A 219 -9.85 14.41 13.08
CA LEU A 219 -10.12 12.98 13.13
C LEU A 219 -11.34 12.61 12.29
N ALA A 220 -12.38 13.41 12.38
CA ALA A 220 -13.59 13.18 11.59
C ALA A 220 -13.31 13.32 10.09
N LEU A 221 -12.51 14.32 9.74
CA LEU A 221 -12.14 14.56 8.34
C LEU A 221 -11.32 13.40 7.78
N GLY A 222 -10.29 12.99 8.52
CA GLY A 222 -9.44 11.88 8.11
C GLY A 222 -10.21 10.59 7.89
N VAL A 223 -11.04 10.22 8.86
CA VAL A 223 -11.83 9.00 8.75
C VAL A 223 -12.88 9.10 7.65
N GLY A 224 -13.48 10.28 7.50
CA GLY A 224 -14.50 10.51 6.50
C GLY A 224 -13.93 10.38 5.09
N MET A 225 -12.73 10.91 4.89
CA MET A 225 -12.06 10.82 3.60
C MET A 225 -11.69 9.37 3.28
N ALA A 226 -11.23 8.63 4.28
CA ALA A 226 -10.97 7.21 4.11
C ALA A 226 -12.26 6.49 3.79
N ALA A 227 -13.34 6.94 4.43
CA ALA A 227 -14.66 6.33 4.25
C ALA A 227 -15.20 6.58 2.84
N LEU A 228 -15.06 7.81 2.37
CA LEU A 228 -15.53 8.19 1.04
C LEU A 228 -14.73 7.46 -0.05
N ALA A 229 -13.41 7.40 0.12
CA ALA A 229 -12.56 6.60 -0.77
C ALA A 229 -13.06 5.15 -0.85
N ALA A 230 -13.32 4.56 0.31
CA ALA A 230 -13.69 3.15 0.37
C ALA A 230 -15.05 2.90 -0.26
N SER A 231 -15.97 3.85 -0.11
CA SER A 231 -17.30 3.71 -0.69
C SER A 231 -17.22 3.77 -2.23
N ILE A 232 -16.23 4.47 -2.76
CA ILE A 232 -16.03 4.51 -4.21
C ILE A 232 -15.41 3.19 -4.68
N GLY A 233 -14.60 2.58 -3.81
CA GLY A 233 -13.89 1.35 -4.13
C GLY A 233 -12.39 1.55 -4.10
N LEU A 234 -11.96 2.81 -3.91
CA LEU A 234 -10.56 3.11 -3.70
C LEU A 234 -10.13 2.58 -2.33
N ALA A 235 -8.84 2.41 -2.12
CA ALA A 235 -8.35 1.95 -0.82
C ALA A 235 -8.59 3.05 0.23
N PRO A 236 -8.98 2.67 1.45
CA PRO A 236 -9.13 3.70 2.48
C PRO A 236 -7.86 4.51 2.74
N ILE A 237 -6.69 3.91 2.56
CA ILE A 237 -5.45 4.64 2.85
C ILE A 237 -5.17 5.75 1.84
N VAL A 238 -5.83 5.69 0.69
CA VAL A 238 -5.71 6.78 -0.28
C VAL A 238 -6.49 7.99 0.23
N GLY A 239 -7.70 7.76 0.72
CA GLY A 239 -8.48 8.84 1.31
C GLY A 239 -7.81 9.42 2.53
N ALA A 240 -7.28 8.56 3.39
CA ALA A 240 -6.58 8.99 4.60
C ALA A 240 -5.40 9.88 4.24
N PHE A 241 -4.69 9.51 3.18
CA PHE A 241 -3.52 10.26 2.74
C PHE A 241 -3.91 11.64 2.27
N LEU A 242 -4.98 11.71 1.48
CA LEU A 242 -5.49 12.98 1.01
C LEU A 242 -6.01 13.79 2.20
N GLY A 243 -6.70 13.13 3.12
CA GLY A 243 -7.21 13.77 4.31
C GLY A 243 -6.10 14.43 5.09
N GLY A 244 -4.99 13.71 5.24
CA GLY A 244 -3.83 14.24 5.94
C GLY A 244 -3.25 15.46 5.23
N MET A 245 -3.21 15.41 3.90
CA MET A 245 -2.64 16.51 3.13
C MET A 245 -3.50 17.77 3.20
N LEU A 246 -4.81 17.60 3.32
CA LEU A 246 -5.70 18.74 3.53
C LEU A 246 -5.36 19.51 4.80
N LEU A 247 -4.77 18.80 5.78
CA LEU A 247 -4.50 19.37 7.10
C LEU A 247 -3.03 19.72 7.32
N SER A 248 -2.16 19.29 6.41
CA SER A 248 -0.72 19.50 6.53
C SER A 248 -0.37 20.96 6.79
N GLU A 249 -1.08 21.84 6.11
CA GLU A 249 -0.88 23.27 6.20
C GLU A 249 -1.01 23.77 7.64
N VAL A 250 -1.94 23.17 8.36
CA VAL A 250 -2.34 23.66 9.68
C VAL A 250 -1.85 22.73 10.80
N ARG A 251 -0.98 21.79 10.46
CA ARG A 251 -0.59 20.75 11.41
C ARG A 251 0.12 21.32 12.65
N GLU A 252 0.96 22.33 12.43
CA GLU A 252 1.70 22.96 13.53
C GLU A 252 0.80 23.87 14.36
N LYS A 253 -0.07 24.60 13.66
CA LYS A 253 -0.91 25.62 14.29
C LYS A 253 -1.87 25.04 15.33
N TYR A 254 -2.54 23.92 14.99
CA TYR A 254 -3.45 23.27 15.91
C TYR A 254 -2.80 22.02 16.52
N ARG A 255 -1.48 21.91 16.38
CA ARG A 255 -0.70 20.86 17.04
C ARG A 255 -1.23 19.45 16.76
N LEU A 256 -1.43 19.15 15.49
CA LEU A 256 -2.06 17.89 15.09
C LEU A 256 -1.11 16.70 14.97
N GLU A 257 0.19 16.97 14.83
CA GLU A 257 1.14 15.93 14.48
C GLU A 257 1.30 14.92 15.62
N GLU A 258 1.33 15.44 16.84
CA GLU A 258 1.63 14.60 17.99
C GLU A 258 0.43 13.71 18.35
N PRO A 259 -0.80 14.26 18.35
CA PRO A 259 -1.90 13.35 18.66
C PRO A 259 -2.18 12.31 17.57
N ILE A 260 -2.09 12.69 16.30
CA ILE A 260 -2.32 11.74 15.21
C ILE A 260 -1.20 10.69 15.18
N PHE A 261 0.01 11.09 15.54
CA PHE A 261 1.12 10.14 15.64
C PHE A 261 0.91 9.21 16.84
N ALA A 262 0.33 9.73 17.91
CA ALA A 262 -0.02 8.90 19.06
C ALA A 262 -0.94 7.77 18.64
N ILE A 263 -1.98 8.12 17.89
CA ILE A 263 -2.97 7.13 17.46
C ILE A 263 -2.35 6.14 16.47
N GLU A 264 -1.47 6.61 15.58
CA GLU A 264 -0.81 5.71 14.64
C GLU A 264 0.05 4.71 15.41
N SER A 265 0.69 5.19 16.47
CA SER A 265 1.61 4.36 17.26
C SER A 265 0.87 3.19 17.89
N PHE A 266 -0.40 3.41 18.21
CA PHE A 266 -1.28 2.39 18.78
C PHE A 266 -1.78 1.38 17.74
N LEU A 267 -2.35 1.88 16.63
CA LEU A 267 -3.03 1.00 15.68
C LEU A 267 -2.18 0.44 14.52
N ALA A 268 -1.17 1.19 14.08
CA ALA A 268 -0.40 0.75 12.91
C ALA A 268 0.37 -0.55 13.20
N PRO A 269 0.88 -0.72 14.43
CA PRO A 269 1.50 -2.02 14.69
C PRO A 269 0.49 -3.18 14.60
N ILE A 270 -0.76 -2.95 14.94
CA ILE A 270 -1.78 -3.98 14.79
C ILE A 270 -1.96 -4.32 13.31
N PHE A 271 -1.90 -3.29 12.46
CA PHE A 271 -2.04 -3.48 11.02
C PHE A 271 -0.98 -4.46 10.49
N PHE A 272 0.28 -4.15 10.75
CA PHE A 272 1.36 -4.97 10.23
C PHE A 272 1.49 -6.32 10.94
N ALA A 273 1.05 -6.38 12.19
CA ALA A 273 1.04 -7.66 12.90
C ALA A 273 -0.01 -8.59 12.29
N MET A 274 -1.15 -8.05 11.89
CA MET A 274 -2.18 -8.90 11.29
C MET A 274 -1.75 -9.46 9.94
N VAL A 275 -0.84 -8.76 9.26
CA VAL A 275 -0.23 -9.31 8.06
C VAL A 275 0.39 -10.66 8.41
N GLY A 276 1.17 -10.67 9.48
CA GLY A 276 1.82 -11.88 9.95
C GLY A 276 0.83 -12.96 10.33
N VAL A 277 -0.19 -12.60 11.09
CA VAL A 277 -1.20 -13.55 11.55
C VAL A 277 -1.84 -14.30 10.39
N ARG A 278 -1.97 -13.64 9.25
CA ARG A 278 -2.65 -14.22 8.10
C ARG A 278 -1.74 -15.13 7.27
N LEU A 279 -0.43 -14.96 7.40
CA LEU A 279 0.53 -15.72 6.60
C LEU A 279 0.33 -17.22 6.71
N GLU A 280 0.06 -17.84 5.57
CA GLU A 280 -0.09 -19.28 5.44
C GLU A 280 1.22 -19.86 4.91
N LEU A 281 1.99 -20.51 5.79
CA LEU A 281 3.37 -20.90 5.46
C LEU A 281 3.46 -22.07 4.45
N SER A 282 2.35 -22.37 3.78
CA SER A 282 2.37 -23.19 2.56
C SER A 282 2.74 -22.23 1.41
N ALA A 283 3.15 -22.71 0.23
CA ALA A 283 3.20 -24.12 -0.13
C ALA A 283 4.61 -24.68 -0.07
N LEU A 284 4.76 -25.78 0.67
CA LEU A 284 5.98 -26.59 0.61
C LEU A 284 5.65 -27.92 -0.06
N ALA A 285 4.40 -28.35 0.07
CA ALA A 285 3.92 -29.58 -0.55
C ALA A 285 3.84 -29.45 -2.07
N SER A 286 3.36 -28.30 -2.55
CA SER A 286 3.24 -28.06 -3.98
C SER A 286 4.59 -27.63 -4.56
N PRO A 287 5.15 -28.39 -5.50
CA PRO A 287 6.48 -28.05 -6.01
C PRO A 287 6.50 -26.98 -7.11
N VAL A 288 5.47 -26.93 -7.93
CA VAL A 288 5.43 -25.99 -9.05
C VAL A 288 5.22 -24.56 -8.54
N VAL A 289 4.63 -24.44 -7.35
CA VAL A 289 4.37 -23.13 -6.76
C VAL A 289 5.66 -22.40 -6.44
N LEU A 290 6.70 -23.12 -6.02
CA LEU A 290 7.97 -22.49 -5.68
C LEU A 290 8.75 -22.06 -6.93
N VAL A 291 8.59 -22.79 -8.03
CA VAL A 291 9.34 -22.49 -9.25
C VAL A 291 8.68 -21.35 -10.03
N ALA A 292 7.41 -21.49 -10.37
CA ALA A 292 6.68 -20.45 -11.09
C ALA A 292 6.43 -19.25 -10.18
N GLY A 293 6.26 -19.50 -8.89
CA GLY A 293 5.98 -18.45 -7.94
C GLY A 293 7.20 -17.58 -7.69
N THR A 294 8.38 -18.20 -7.75
CA THR A 294 9.63 -17.46 -7.62
C THR A 294 9.82 -16.57 -8.85
N VAL A 295 9.56 -17.13 -10.02
CA VAL A 295 9.73 -16.39 -11.28
C VAL A 295 8.71 -15.25 -11.38
N VAL A 296 7.46 -15.52 -11.01
CA VAL A 296 6.41 -14.49 -11.06
C VAL A 296 6.73 -13.36 -10.10
N THR A 297 7.32 -13.71 -8.95
CA THR A 297 7.70 -12.71 -7.96
C THR A 297 8.84 -11.84 -8.50
N VAL A 298 9.79 -12.47 -9.19
CA VAL A 298 10.89 -11.73 -9.80
C VAL A 298 10.32 -10.79 -10.87
N ILE A 299 9.39 -11.30 -11.67
CA ILE A 299 8.77 -10.51 -12.72
C ILE A 299 7.94 -9.36 -12.12
N ALA A 300 7.18 -9.67 -11.07
CA ALA A 300 6.38 -8.66 -10.40
C ALA A 300 7.26 -7.54 -9.84
N ILE A 301 8.39 -7.91 -9.24
CA ILE A 301 9.29 -6.92 -8.65
C ILE A 301 9.99 -6.11 -9.76
N LEU A 302 10.56 -6.79 -10.76
CA LEU A 302 11.26 -6.10 -11.84
C LEU A 302 10.37 -5.16 -12.64
N GLY A 303 9.10 -5.53 -12.80
CA GLY A 303 8.13 -4.70 -13.48
C GLY A 303 7.92 -3.38 -12.78
N LYS A 304 7.75 -3.42 -11.46
CA LYS A 304 7.59 -2.22 -10.66
C LYS A 304 8.90 -1.46 -10.55
N VAL A 305 10.01 -2.18 -10.41
CA VAL A 305 11.32 -1.55 -10.26
C VAL A 305 11.67 -0.82 -11.57
N LEU A 306 11.31 -1.41 -12.70
CA LEU A 306 11.53 -0.76 -13.99
C LEU A 306 10.62 0.45 -14.19
N GLY A 307 9.37 0.34 -13.75
CA GLY A 307 8.44 1.43 -13.87
C GLY A 307 8.93 2.65 -13.12
N GLY A 308 9.41 2.41 -11.90
CA GLY A 308 9.94 3.48 -11.07
C GLY A 308 11.21 4.04 -11.67
N PHE A 309 12.07 3.15 -12.15
CA PHE A 309 13.35 3.57 -12.73
C PHE A 309 13.14 4.49 -13.92
N LEU A 310 12.26 4.09 -14.84
CA LEU A 310 12.01 4.87 -16.05
C LEU A 310 11.23 6.15 -15.77
N GLY A 311 10.22 6.08 -14.92
CA GLY A 311 9.37 7.22 -14.65
C GLY A 311 9.98 8.26 -13.73
N ALA A 312 10.99 7.85 -12.96
CA ALA A 312 11.61 8.72 -11.97
C ALA A 312 13.07 8.99 -12.28
N LEU A 313 13.51 8.57 -13.47
CA LEU A 313 14.91 8.69 -13.85
C LEU A 313 15.47 10.12 -13.77
N THR A 314 14.58 11.11 -13.81
CA THR A 314 15.01 12.51 -13.71
C THR A 314 15.66 12.82 -12.36
N GLN A 315 15.45 11.96 -11.37
CA GLN A 315 16.00 12.19 -10.03
C GLN A 315 17.31 11.45 -9.81
N GLY A 316 17.71 10.67 -10.81
CA GLY A 316 18.92 9.89 -10.73
C GLY A 316 18.63 8.42 -10.51
N VAL A 317 19.63 7.59 -10.79
CA VAL A 317 19.47 6.15 -10.78
C VAL A 317 19.16 5.61 -9.39
N ARG A 318 19.73 6.24 -8.37
CA ARG A 318 19.54 5.76 -7.00
C ARG A 318 18.15 6.07 -6.48
N SER A 319 17.71 7.32 -6.64
CA SER A 319 16.36 7.71 -6.27
C SER A 319 15.33 6.92 -7.07
N ALA A 320 15.61 6.71 -8.36
CA ALA A 320 14.63 6.09 -9.25
C ALA A 320 14.44 4.60 -8.93
N LEU A 321 15.53 3.89 -8.68
CA LEU A 321 15.43 2.51 -8.24
C LEU A 321 14.73 2.44 -6.88
N THR A 322 14.97 3.45 -6.05
CA THR A 322 14.35 3.51 -4.74
C THR A 322 12.83 3.69 -4.90
N VAL A 323 12.42 4.54 -5.84
CA VAL A 323 11.01 4.69 -6.18
C VAL A 323 10.44 3.36 -6.65
N GLY A 324 11.18 2.67 -7.50
CA GLY A 324 10.73 1.41 -8.07
C GLY A 324 10.50 0.35 -7.01
N CYS A 325 11.41 0.25 -6.05
CA CYS A 325 11.32 -0.71 -4.96
CA CYS A 325 11.29 -0.74 -5.00
C CYS A 325 10.12 -0.42 -4.07
N GLY A 326 9.89 0.85 -3.81
CA GLY A 326 8.77 1.28 -2.99
C GLY A 326 7.43 0.87 -3.57
N MET A 327 7.35 0.76 -4.90
CA MET A 327 6.10 0.36 -5.57
C MET A 327 5.94 -1.15 -5.69
N ALA A 328 6.96 -1.89 -5.28
CA ALA A 328 6.99 -3.33 -5.47
C ALA A 328 6.00 -4.13 -4.59
N PRO A 329 5.77 -3.70 -3.35
CA PRO A 329 4.92 -4.56 -2.52
C PRO A 329 3.47 -4.65 -3.04
N ARG A 330 2.94 -5.87 -3.10
CA ARG A 330 1.59 -6.10 -3.58
C ARG A 330 0.68 -6.44 -2.41
N GLY A 331 -0.63 -6.54 -2.65
CA GLY A 331 -1.57 -6.80 -1.58
C GLY A 331 -2.92 -7.33 -2.01
N GLU A 332 -3.97 -6.75 -1.44
CA GLU A 332 -5.33 -7.27 -1.56
C GLU A 332 -5.87 -7.31 -2.98
N VAL A 333 -5.64 -6.26 -3.75
CA VAL A 333 -6.20 -6.16 -5.09
C VAL A 333 -5.74 -7.34 -5.95
N GLY A 334 -4.50 -7.78 -5.76
CA GLY A 334 -3.98 -8.92 -6.48
C GLY A 334 -4.69 -10.22 -6.13
N LEU A 335 -4.93 -10.44 -4.83
CA LEU A 335 -5.60 -11.64 -4.37
C LEU A 335 -7.06 -11.68 -4.84
N ILE A 336 -7.71 -10.52 -4.80
CA ILE A 336 -9.11 -10.42 -5.22
C ILE A 336 -9.23 -10.76 -6.71
N VAL A 337 -8.32 -10.22 -7.51
CA VAL A 337 -8.29 -10.51 -8.94
C VAL A 337 -8.14 -12.01 -9.18
N ALA A 338 -7.24 -12.64 -8.43
CA ALA A 338 -7.05 -14.08 -8.54
C ALA A 338 -8.32 -14.83 -8.17
N ALA A 339 -9.01 -14.34 -7.15
CA ALA A 339 -10.21 -15.00 -6.64
C ALA A 339 -11.36 -14.86 -7.63
N LEU A 340 -11.51 -13.66 -8.17
CA LEU A 340 -12.49 -13.43 -9.24
C LEU A 340 -12.15 -14.30 -10.44
N GLY A 341 -10.87 -14.58 -10.62
CA GLY A 341 -10.42 -15.45 -11.69
C GLY A 341 -10.84 -16.89 -11.47
N LEU A 342 -10.91 -17.31 -10.21
CA LEU A 342 -11.38 -18.64 -9.87
C LEU A 342 -12.86 -18.76 -10.23
N LYS A 343 -13.61 -17.71 -9.98
CA LYS A 343 -15.05 -17.66 -10.29
C LYS A 343 -15.31 -17.64 -11.79
N ALA A 344 -14.36 -17.11 -12.56
CA ALA A 344 -14.53 -16.99 -14.01
C ALA A 344 -14.01 -18.23 -14.74
N GLY A 345 -13.31 -19.10 -14.01
CA GLY A 345 -12.77 -20.31 -14.57
C GLY A 345 -11.42 -20.11 -15.24
N ALA A 346 -10.83 -18.93 -15.04
CA ALA A 346 -9.58 -18.56 -15.69
C ALA A 346 -8.37 -18.87 -14.83
N VAL A 347 -8.61 -19.17 -13.56
CA VAL A 347 -7.54 -19.37 -12.58
C VAL A 347 -7.77 -20.68 -11.84
N ASN A 348 -6.68 -21.39 -11.56
CA ASN A 348 -6.74 -22.61 -10.75
C ASN A 348 -6.07 -22.39 -9.40
N GLU A 349 -6.15 -23.37 -8.52
CA GLU A 349 -5.68 -23.22 -7.15
C GLU A 349 -4.16 -23.07 -7.09
N GLU A 350 -3.45 -23.69 -8.02
CA GLU A 350 -1.99 -23.56 -8.05
C GLU A 350 -1.60 -22.15 -8.52
N GLU A 351 -2.37 -21.60 -9.46
CA GLU A 351 -2.14 -20.23 -9.92
C GLU A 351 -2.45 -19.26 -8.79
N TYR A 352 -3.51 -19.54 -8.03
CA TYR A 352 -3.84 -18.72 -6.87
C TYR A 352 -2.70 -18.68 -5.86
N ALA A 353 -2.13 -19.84 -5.58
CA ALA A 353 -1.06 -19.94 -4.60
C ALA A 353 0.21 -19.24 -5.09
N ILE A 354 0.39 -19.23 -6.41
CA ILE A 354 1.50 -18.52 -7.02
C ILE A 354 1.35 -17.02 -6.77
N VAL A 355 0.14 -16.50 -6.98
CA VAL A 355 -0.16 -15.10 -6.69
C VAL A 355 -0.02 -14.79 -5.19
N LEU A 356 -0.51 -15.69 -4.35
CA LEU A 356 -0.41 -15.53 -2.90
C LEU A 356 1.06 -15.46 -2.50
N PHE A 357 1.84 -16.41 -3.01
CA PHE A 357 3.28 -16.44 -2.81
C PHE A 357 3.93 -15.11 -3.19
N MET A 358 3.52 -14.58 -4.34
CA MET A 358 4.05 -13.31 -4.83
C MET A 358 3.64 -12.15 -3.93
N VAL A 359 2.38 -12.14 -3.50
CA VAL A 359 1.91 -11.09 -2.60
C VAL A 359 2.74 -11.06 -1.32
N VAL A 360 3.01 -12.24 -0.77
CA VAL A 360 3.73 -12.33 0.51
C VAL A 360 5.18 -11.85 0.37
N PHE A 361 5.87 -12.29 -0.67
CA PHE A 361 7.30 -12.02 -0.77
C PHE A 361 7.62 -10.66 -1.37
N THR A 362 6.73 -10.09 -2.18
CA THR A 362 6.91 -8.70 -2.59
C THR A 362 6.71 -7.79 -1.38
N THR A 363 5.79 -8.17 -0.49
CA THR A 363 5.56 -7.40 0.74
C THR A 363 6.76 -7.44 1.67
N LEU A 364 7.33 -8.63 1.88
CA LEU A 364 8.50 -8.78 2.76
C LEU A 364 9.75 -8.19 2.11
N PHE A 365 9.81 -8.28 0.79
CA PHE A 365 10.96 -7.80 0.03
C PHE A 365 11.19 -6.30 0.17
N ALA A 366 10.11 -5.53 0.09
CA ALA A 366 10.23 -4.09 -0.09
C ALA A 366 11.06 -3.42 1.02
N PRO A 367 10.71 -3.65 2.30
CA PRO A 367 11.51 -2.99 3.34
C PRO A 367 12.99 -3.38 3.34
N PHE A 368 13.30 -4.63 3.07
CA PHE A 368 14.69 -5.10 3.12
C PHE A 368 15.55 -4.47 2.04
N ALA A 369 14.93 -4.16 0.91
CA ALA A 369 15.62 -3.51 -0.19
C ALA A 369 15.58 -2.00 -0.04
N LEU A 370 14.48 -1.50 0.51
CA LEU A 370 14.21 -0.07 0.55
C LEU A 370 15.08 0.65 1.59
N LYS A 371 15.37 -0.03 2.70
CA LYS A 371 16.21 0.58 3.73
C LYS A 371 17.63 0.83 3.22
N PRO A 372 18.32 -0.19 2.69
CA PRO A 372 19.66 0.12 2.15
C PRO A 372 19.66 0.99 0.89
N LEU A 373 18.61 0.91 0.07
CA LEU A 373 18.56 1.74 -1.14
C LEU A 373 18.46 3.21 -0.75
N ILE A 374 17.71 3.48 0.30
CA ILE A 374 17.56 4.84 0.80
C ILE A 374 18.90 5.37 1.34
N ALA A 375 19.58 4.56 2.13
CA ALA A 375 20.90 4.93 2.66
C ALA A 375 21.87 5.22 1.50
N TRP A 376 21.77 4.40 0.47
CA TRP A 376 22.59 4.50 -0.73
C TRP A 376 22.33 5.81 -1.48
N THR A 377 21.06 6.17 -1.58
CA THR A 377 20.65 7.42 -2.22
C THR A 377 21.09 8.62 -1.39
N GLU A 378 21.01 8.49 -0.07
CA GLU A 378 21.39 9.57 0.83
C GLU A 378 22.91 9.76 0.87
N ARG A 379 23.65 8.67 0.74
CA ARG A 379 25.11 8.74 0.65
C ARG A 379 25.53 9.55 -0.58
N GLU A 380 24.84 9.33 -1.69
CA GLU A 380 25.14 10.03 -2.93
C GLU A 380 24.89 11.53 -2.80
N ARG A 381 23.76 11.89 -2.19
CA ARG A 381 23.43 13.30 -1.99
C ARG A 381 24.56 13.97 -1.21
N ALA A 382 25.01 13.32 -0.15
CA ALA A 382 26.09 13.86 0.68
C ALA A 382 27.40 14.03 -0.09
N ALA A 383 27.75 13.05 -0.92
CA ALA A 383 29.01 13.08 -1.65
C ALA A 383 29.01 14.15 -2.75
N LYS A 384 27.82 14.54 -3.20
CA LYS A 384 27.69 15.63 -4.17
C LYS A 384 27.61 16.97 -3.46
N GLU A 385 27.33 16.93 -2.15
CA GLU A 385 27.19 18.14 -1.34
C GLU A 385 26.05 19.00 -1.83
#